data_7HTC
#
_entry.id   7HTC
#
_cell.length_a   98.841
_cell.length_b   98.812
_cell.length_c   128.284
_cell.angle_alpha   90.00
_cell.angle_beta   90.00
_cell.angle_gamma   90.00
#
_symmetry.space_group_name_H-M   'I 2 2 2'
#
loop_
_entity.id
_entity.type
_entity.pdbx_description
1 polymer 'Oleoyl-acyl carrier protein thioesterase 1, chloroplastic'
2 non-polymer 5-methyl-N-(1-methyl-1H-pyrazol-4-yl)-1,2-oxazole-3-carboxamide
3 non-polymer 'SULFATE ION'
4 water water
#
_entity_poly.entity_id   1
_entity_poly.type   'polypeptide(L)'
_entity_poly.pdbx_seq_one_letter_code
;MGSLTEDGLSYKEKFVVRSYEVGSNKTATVETIANLLQEVGCNHAQSVGFSTDGFATTTTMRKLHLIWVTARMHIEIYKY
PAWGDVVEIETWCQSEGRIGTRRDWILKDSVTGEVTGRATSKWVMMNQDTRRLQKVSDDVRDEYLVFCPQEPRLAFPEEN
NRSLKKIPKLEDPAQYSMIGLKPRRADLDMNQHVNNVTYIGWVLESIPQEIVDTHELQVITLDYRRECQQDDVVDSLTTT
TSEIGGTNGSATSGTQGHNDSQFLHLLRLSGDGQEINRGTTLWRKKPSSHHHHHH
;
_entity_poly.pdbx_strand_id   A,B
#
loop_
_chem_comp.id
_chem_comp.type
_chem_comp.name
_chem_comp.formula
SO4 non-polymer 'SULFATE ION' 'O4 S -2'
UUM non-polymer 5-methyl-N-(1-methyl-1H-pyrazol-4-yl)-1,2-oxazole-3-carboxamide 'C9 H10 N4 O2'
#
# COMPACT_ATOMS: atom_id res chain seq x y z
N GLY A 2 -7.03 7.55 -17.07
CA GLY A 2 -7.38 6.34 -17.80
C GLY A 2 -8.59 6.54 -18.70
N SER A 3 -8.76 5.65 -19.68
CA SER A 3 -9.91 5.74 -20.57
C SER A 3 -10.18 4.44 -21.29
N LEU A 4 -11.45 4.22 -21.68
CA LEU A 4 -11.81 3.10 -22.55
C LEU A 4 -11.15 3.36 -23.93
N THR A 5 -10.75 2.29 -24.62
CA THR A 5 -10.16 2.40 -25.95
C THR A 5 -11.22 2.81 -27.01
N GLU A 6 -10.81 3.05 -28.26
CA GLU A 6 -11.72 3.49 -29.30
C GLU A 6 -12.97 2.60 -29.47
N ASP A 7 -12.81 1.27 -29.51
CA ASP A 7 -13.95 0.37 -29.67
C ASP A 7 -14.81 0.21 -28.39
N GLY A 8 -14.32 0.67 -27.23
CA GLY A 8 -15.05 0.55 -25.97
C GLY A 8 -15.03 -0.84 -25.37
N LEU A 9 -14.19 -1.74 -25.90
CA LEU A 9 -14.11 -3.11 -25.41
C LEU A 9 -12.87 -3.38 -24.52
N SER A 10 -12.07 -2.35 -24.23
CA SER A 10 -10.93 -2.48 -23.32
C SER A 10 -10.60 -1.11 -22.67
N TYR A 11 -9.71 -1.09 -21.67
CA TYR A 11 -9.43 0.12 -20.92
C TYR A 11 -7.93 0.27 -20.69
N LYS A 12 -7.41 1.49 -20.85
CA LYS A 12 -5.99 1.75 -20.63
C LYS A 12 -5.79 2.80 -19.54
N GLU A 13 -4.72 2.68 -18.77
CA GLU A 13 -4.37 3.67 -17.77
C GLU A 13 -2.85 3.73 -17.56
N LYS A 14 -2.31 4.93 -17.35
CA LYS A 14 -0.89 5.13 -17.11
C LYS A 14 -0.62 5.39 -15.62
N PHE A 15 0.46 4.83 -15.09
CA PHE A 15 0.84 4.99 -13.69
C PHE A 15 2.31 5.36 -13.56
N VAL A 16 2.62 6.32 -12.69
CA VAL A 16 4.00 6.72 -12.40
C VAL A 16 4.39 5.94 -11.16
N VAL A 17 5.43 5.11 -11.24
CA VAL A 17 5.87 4.28 -10.10
C VAL A 17 6.38 5.15 -8.90
N ARG A 18 5.76 4.97 -7.71
CA ARG A 18 6.07 5.75 -6.49
C ARG A 18 7.26 5.27 -5.69
N SER A 19 7.89 6.18 -4.91
CA SER A 19 9.02 5.86 -4.02
C SER A 19 8.75 4.70 -3.08
N TYR A 20 7.59 4.66 -2.38
CA TYR A 20 7.25 3.59 -1.44
C TYR A 20 6.78 2.28 -2.13
N GLU A 21 6.58 2.32 -3.45
CA GLU A 21 6.13 1.17 -4.23
C GLU A 21 7.26 0.26 -4.70
N VAL A 22 8.53 0.67 -4.49
CA VAL A 22 9.67 -0.11 -4.99
C VAL A 22 10.44 -0.87 -3.90
N GLY A 23 11.07 -1.97 -4.30
CA GLY A 23 11.91 -2.80 -3.44
C GLY A 23 13.39 -2.44 -3.50
N SER A 24 14.26 -3.37 -3.06
N SER A 24 14.26 -3.37 -3.06
N SER A 24 14.26 -3.37 -3.06
CA SER A 24 15.72 -3.19 -3.01
CA SER A 24 15.72 -3.18 -2.99
CA SER A 24 15.72 -3.19 -3.01
C SER A 24 16.38 -2.76 -4.33
C SER A 24 16.39 -2.79 -4.31
C SER A 24 16.38 -2.76 -4.33
N ASN A 25 15.86 -3.25 -5.46
CA ASN A 25 16.43 -2.89 -6.77
C ASN A 25 15.88 -1.59 -7.38
N LYS A 26 15.12 -0.82 -6.60
CA LYS A 26 14.52 0.44 -7.05
C LYS A 26 13.55 0.23 -8.21
N THR A 27 12.90 -0.94 -8.26
CA THR A 27 11.86 -1.29 -9.23
C THR A 27 10.61 -1.78 -8.44
N ALA A 28 9.43 -1.63 -9.04
CA ALA A 28 8.15 -2.00 -8.44
C ALA A 28 8.11 -3.44 -7.96
N THR A 29 7.51 -3.67 -6.79
CA THR A 29 7.35 -5.03 -6.27
C THR A 29 6.20 -5.72 -7.04
N VAL A 30 6.12 -7.06 -6.95
CA VAL A 30 4.99 -7.76 -7.57
C VAL A 30 3.66 -7.34 -6.89
N GLU A 31 3.70 -6.91 -5.61
CA GLU A 31 2.53 -6.45 -4.92
C GLU A 31 2.07 -5.11 -5.45
N THR A 32 3.00 -4.20 -5.83
CA THR A 32 2.64 -2.93 -6.45
C THR A 32 1.99 -3.22 -7.80
N ILE A 33 2.57 -4.13 -8.60
CA ILE A 33 2.02 -4.54 -9.88
C ILE A 33 0.57 -5.04 -9.70
N ALA A 34 0.34 -6.00 -8.77
CA ALA A 34 -0.97 -6.54 -8.44
C ALA A 34 -1.95 -5.43 -8.01
N ASN A 35 -1.52 -4.42 -7.22
CA ASN A 35 -2.39 -3.30 -6.82
C ASN A 35 -2.79 -2.47 -8.04
N LEU A 36 -1.83 -2.21 -8.96
CA LEU A 36 -2.10 -1.46 -10.20
C LEU A 36 -3.09 -2.22 -11.10
N LEU A 37 -2.96 -3.56 -11.16
CA LEU A 37 -3.89 -4.40 -11.92
C LEU A 37 -5.31 -4.23 -11.36
N GLN A 38 -5.46 -4.29 -10.01
CA GLN A 38 -6.78 -4.14 -9.40
C GLN A 38 -7.33 -2.73 -9.61
N GLU A 39 -6.47 -1.69 -9.53
CA GLU A 39 -6.91 -0.32 -9.76
C GLU A 39 -7.44 -0.09 -11.21
N VAL A 40 -6.71 -0.58 -12.23
CA VAL A 40 -7.16 -0.42 -13.62
C VAL A 40 -8.46 -1.26 -13.87
N GLY A 41 -8.57 -2.43 -13.21
CA GLY A 41 -9.75 -3.27 -13.26
C GLY A 41 -10.97 -2.53 -12.71
N CYS A 42 -10.79 -1.86 -11.56
N CYS A 42 -10.77 -1.87 -11.57
N CYS A 42 -10.79 -1.86 -11.56
CA CYS A 42 -11.84 -1.09 -10.92
CA CYS A 42 -11.81 -1.11 -10.92
CA CYS A 42 -11.84 -1.09 -10.92
C CYS A 42 -12.25 0.11 -11.77
C CYS A 42 -12.24 0.10 -11.76
C CYS A 42 -12.25 0.11 -11.77
N ASN A 43 -11.27 0.79 -12.40
CA ASN A 43 -11.56 1.96 -13.25
C ASN A 43 -12.31 1.57 -14.54
N HIS A 44 -12.01 0.38 -15.07
CA HIS A 44 -12.69 -0.17 -16.22
C HIS A 44 -14.18 -0.46 -15.88
N ALA A 45 -14.44 -1.18 -14.76
CA ALA A 45 -15.79 -1.48 -14.28
C ALA A 45 -16.62 -0.18 -14.08
N GLN A 46 -16.03 0.84 -13.49
CA GLN A 46 -16.65 2.13 -13.23
C GLN A 46 -17.01 2.83 -14.54
N SER A 47 -16.12 2.77 -15.54
N SER A 47 -16.11 2.78 -15.54
N SER A 47 -16.12 2.77 -15.54
CA SER A 47 -16.32 3.41 -16.83
CA SER A 47 -16.33 3.41 -16.83
CA SER A 47 -16.32 3.41 -16.83
C SER A 47 -17.47 2.80 -17.63
C SER A 47 -17.48 2.80 -17.63
C SER A 47 -17.47 2.80 -17.63
N VAL A 48 -17.76 1.51 -17.43
CA VAL A 48 -18.85 0.85 -18.15
C VAL A 48 -20.14 0.66 -17.31
N GLY A 49 -20.26 1.36 -16.19
CA GLY A 49 -21.47 1.32 -15.38
C GLY A 49 -21.60 0.36 -14.21
N PHE A 50 -20.53 -0.35 -13.81
CA PHE A 50 -20.63 -1.25 -12.65
C PHE A 50 -20.32 -0.52 -11.32
N SER A 51 -20.51 -1.20 -10.16
CA SER A 51 -20.19 -0.64 -8.84
C SER A 51 -20.32 -1.67 -7.70
N ALA A 56 -17.75 -5.08 -9.18
CA ALA A 56 -18.16 -5.25 -10.57
C ALA A 56 -19.54 -5.92 -10.66
N THR A 57 -20.45 -5.59 -9.71
CA THR A 57 -21.78 -6.17 -9.74
C THR A 57 -22.68 -5.53 -10.79
N THR A 58 -23.40 -6.37 -11.53
CA THR A 58 -24.36 -5.94 -12.55
C THR A 58 -25.74 -5.69 -11.84
N THR A 59 -26.75 -5.24 -12.59
CA THR A 59 -28.07 -4.99 -12.03
C THR A 59 -28.69 -6.29 -11.54
N THR A 60 -28.55 -7.37 -12.32
CA THR A 60 -29.09 -8.67 -11.94
C THR A 60 -28.38 -9.23 -10.69
N MET A 61 -27.06 -9.03 -10.58
N MET A 61 -27.06 -9.03 -10.58
N MET A 61 -27.06 -9.03 -10.58
CA MET A 61 -26.27 -9.51 -9.46
CA MET A 61 -26.27 -9.51 -9.46
CA MET A 61 -26.27 -9.51 -9.46
C MET A 61 -26.68 -8.85 -8.14
C MET A 61 -26.69 -8.85 -8.15
C MET A 61 -26.68 -8.85 -8.14
N ARG A 62 -26.97 -7.54 -8.18
CA ARG A 62 -27.39 -6.82 -6.97
C ARG A 62 -28.80 -7.27 -6.51
N LYS A 63 -29.67 -7.60 -7.47
CA LYS A 63 -31.02 -8.09 -7.21
C LYS A 63 -30.97 -9.46 -6.50
N LEU A 64 -30.05 -10.32 -6.94
CA LEU A 64 -29.90 -11.66 -6.39
C LEU A 64 -28.78 -11.84 -5.34
N HIS A 65 -28.23 -10.76 -4.78
CA HIS A 65 -27.16 -10.81 -3.78
C HIS A 65 -25.96 -11.67 -4.23
N LEU A 66 -25.54 -11.50 -5.47
CA LEU A 66 -24.41 -12.22 -6.05
C LEU A 66 -23.22 -11.32 -6.24
N ILE A 67 -21.99 -11.87 -6.08
CA ILE A 67 -20.72 -11.16 -6.25
C ILE A 67 -19.71 -12.01 -7.05
N TRP A 68 -18.68 -11.37 -7.61
CA TRP A 68 -17.59 -12.07 -8.28
C TRP A 68 -16.48 -12.26 -7.26
N VAL A 69 -15.93 -13.47 -7.16
CA VAL A 69 -14.78 -13.73 -6.30
C VAL A 69 -13.66 -14.34 -7.12
N THR A 70 -12.40 -14.05 -6.78
CA THR A 70 -11.26 -14.58 -7.52
C THR A 70 -11.07 -16.06 -7.23
N ALA A 71 -10.83 -16.83 -8.28
CA ALA A 71 -10.50 -18.24 -8.16
C ALA A 71 -8.98 -18.43 -8.41
N ARG A 72 -8.41 -17.65 -9.33
CA ARG A 72 -7.00 -17.75 -9.69
C ARG A 72 -6.49 -16.43 -10.25
N MET A 73 -5.24 -16.12 -9.92
CA MET A 73 -4.47 -14.98 -10.39
C MET A 73 -3.16 -15.52 -10.97
N HIS A 74 -2.79 -15.11 -12.19
CA HIS A 74 -1.55 -15.54 -12.83
C HIS A 74 -0.86 -14.31 -13.43
N ILE A 75 0.36 -14.01 -12.97
CA ILE A 75 1.12 -12.83 -13.44
C ILE A 75 2.51 -13.23 -13.93
N GLU A 76 2.91 -12.73 -15.09
CA GLU A 76 4.23 -12.96 -15.64
C GLU A 76 4.91 -11.59 -15.91
N ILE A 77 6.04 -11.30 -15.25
CA ILE A 77 6.75 -10.04 -15.42
C ILE A 77 8.10 -10.27 -16.11
N TYR A 78 8.34 -9.55 -17.22
CA TYR A 78 9.61 -9.60 -17.95
C TYR A 78 10.55 -8.52 -17.39
N LYS A 79 10.02 -7.32 -17.16
CA LYS A 79 10.80 -6.23 -16.59
C LYS A 79 9.89 -5.48 -15.59
N TYR A 80 10.40 -5.24 -14.37
CA TYR A 80 9.69 -4.45 -13.38
C TYR A 80 10.02 -2.97 -13.63
N PRO A 81 9.02 -2.08 -13.67
CA PRO A 81 9.32 -0.66 -13.93
C PRO A 81 10.07 -0.01 -12.77
N ALA A 82 11.01 0.88 -13.10
CA ALA A 82 11.79 1.58 -12.08
C ALA A 82 10.96 2.73 -11.47
N TRP A 83 11.38 3.18 -10.27
CA TRP A 83 10.85 4.31 -9.53
C TRP A 83 10.89 5.57 -10.44
N GLY A 84 9.74 6.17 -10.69
CA GLY A 84 9.64 7.32 -11.57
C GLY A 84 9.24 7.00 -12.99
N ASP A 85 9.34 5.71 -13.40
CA ASP A 85 8.95 5.29 -14.74
C ASP A 85 7.41 5.31 -14.87
N VAL A 86 6.94 5.43 -16.11
CA VAL A 86 5.51 5.39 -16.38
C VAL A 86 5.19 4.03 -17.01
N VAL A 87 4.26 3.28 -16.43
CA VAL A 87 3.82 2.00 -16.97
C VAL A 87 2.38 2.18 -17.53
N GLU A 88 2.11 1.61 -18.73
CA GLU A 88 0.75 1.67 -19.27
C GLU A 88 0.13 0.27 -19.17
N ILE A 89 -1.06 0.16 -18.58
CA ILE A 89 -1.73 -1.13 -18.45
C ILE A 89 -3.04 -1.14 -19.25
N GLU A 90 -3.23 -2.16 -20.08
CA GLU A 90 -4.49 -2.33 -20.82
C GLU A 90 -5.23 -3.56 -20.21
N THR A 91 -6.54 -3.47 -20.00
CA THR A 91 -7.32 -4.54 -19.40
C THR A 91 -8.66 -4.75 -20.13
N TRP A 92 -9.13 -5.98 -20.09
CA TRP A 92 -10.40 -6.34 -20.69
C TRP A 92 -10.97 -7.58 -20.01
N CYS A 93 -12.26 -7.81 -20.17
N CYS A 93 -12.26 -7.81 -20.20
N CYS A 93 -12.26 -7.81 -20.17
CA CYS A 93 -12.90 -8.97 -19.57
CA CYS A 93 -12.96 -8.95 -19.62
CA CYS A 93 -12.90 -8.97 -19.57
C CYS A 93 -13.59 -9.84 -20.62
C CYS A 93 -13.52 -9.86 -20.69
C CYS A 93 -13.59 -9.84 -20.62
N GLN A 94 -13.81 -11.11 -20.31
CA GLN A 94 -14.45 -12.06 -21.23
C GLN A 94 -15.31 -13.03 -20.41
N SER A 95 -16.48 -13.43 -20.94
CA SER A 95 -17.33 -14.46 -20.33
C SER A 95 -16.74 -15.82 -20.74
N GLU A 96 -16.69 -16.77 -19.81
CA GLU A 96 -16.23 -18.11 -20.13
C GLU A 96 -17.42 -19.03 -19.94
N GLY A 97 -18.47 -18.78 -20.73
CA GLY A 97 -19.72 -19.52 -20.64
C GLY A 97 -20.37 -19.37 -19.28
N ARG A 98 -20.80 -20.49 -18.72
CA ARG A 98 -21.41 -20.48 -17.38
C ARG A 98 -20.39 -20.74 -16.26
N ILE A 99 -19.10 -21.01 -16.59
CA ILE A 99 -18.09 -21.26 -15.57
C ILE A 99 -17.85 -20.01 -14.72
N GLY A 100 -17.68 -18.88 -15.39
CA GLY A 100 -17.40 -17.59 -14.75
C GLY A 100 -16.90 -16.59 -15.78
N THR A 101 -16.09 -15.65 -15.34
CA THR A 101 -15.51 -14.62 -16.19
C THR A 101 -13.98 -14.61 -16.05
N ARG A 102 -13.32 -13.93 -16.95
CA ARG A 102 -11.88 -13.80 -16.96
C ARG A 102 -11.52 -12.33 -17.15
N ARG A 103 -10.50 -11.83 -16.41
CA ARG A 103 -10.02 -10.48 -16.66
C ARG A 103 -8.56 -10.64 -17.00
N ASP A 104 -8.14 -10.02 -18.14
CA ASP A 104 -6.77 -10.05 -18.63
C ASP A 104 -6.10 -8.69 -18.62
N TRP A 105 -4.77 -8.65 -18.52
CA TRP A 105 -4.01 -7.41 -18.52
C TRP A 105 -2.75 -7.55 -19.36
N ILE A 106 -2.31 -6.42 -19.94
CA ILE A 106 -1.05 -6.30 -20.65
C ILE A 106 -0.36 -5.06 -20.08
N LEU A 107 0.90 -5.21 -19.67
CA LEU A 107 1.67 -4.09 -19.11
C LEU A 107 2.70 -3.69 -20.14
N LYS A 108 2.87 -2.40 -20.37
CA LYS A 108 3.84 -1.87 -21.32
C LYS A 108 4.66 -0.73 -20.74
N ASP A 109 5.89 -0.57 -21.23
CA ASP A 109 6.74 0.56 -20.91
C ASP A 109 6.15 1.70 -21.78
N SER A 110 5.74 2.81 -21.16
CA SER A 110 5.11 3.90 -21.88
C SER A 110 6.08 4.59 -22.88
N VAL A 111 7.38 4.57 -22.57
CA VAL A 111 8.38 5.21 -23.42
C VAL A 111 8.72 4.34 -24.63
N THR A 112 9.03 3.05 -24.41
CA THR A 112 9.42 2.16 -25.51
C THR A 112 8.24 1.50 -26.23
N GLY A 113 7.11 1.35 -25.54
CA GLY A 113 5.95 0.68 -26.09
C GLY A 113 6.05 -0.84 -26.03
N GLU A 114 7.12 -1.37 -25.42
CA GLU A 114 7.39 -2.80 -25.31
C GLU A 114 6.57 -3.44 -24.15
N VAL A 115 6.09 -4.70 -24.35
CA VAL A 115 5.35 -5.43 -23.34
C VAL A 115 6.32 -5.88 -22.26
N THR A 116 6.10 -5.41 -21.04
CA THR A 116 6.95 -5.76 -19.90
C THR A 116 6.30 -6.77 -18.94
N GLY A 117 5.04 -7.12 -19.19
CA GLY A 117 4.33 -8.07 -18.36
C GLY A 117 2.94 -8.37 -18.85
N ARG A 118 2.35 -9.45 -18.34
CA ARG A 118 1.00 -9.83 -18.68
C ARG A 118 0.38 -10.61 -17.51
N ALA A 119 -0.95 -10.48 -17.38
CA ALA A 119 -1.64 -11.15 -16.30
C ALA A 119 -3.04 -11.62 -16.73
N THR A 120 -3.56 -12.63 -16.03
CA THR A 120 -4.86 -13.20 -16.29
C THR A 120 -5.45 -13.63 -14.94
N SER A 121 -6.77 -13.54 -14.82
CA SER A 121 -7.45 -13.91 -13.59
C SER A 121 -8.78 -14.57 -13.91
N LYS A 122 -9.16 -15.59 -13.13
CA LYS A 122 -10.44 -16.30 -13.27
C LYS A 122 -11.34 -15.94 -12.07
N TRP A 123 -12.60 -15.63 -12.35
CA TRP A 123 -13.57 -15.20 -11.37
C TRP A 123 -14.81 -16.12 -11.39
N VAL A 124 -15.33 -16.49 -10.23
CA VAL A 124 -16.52 -17.35 -10.11
C VAL A 124 -17.67 -16.60 -9.40
N MET A 125 -18.93 -16.96 -9.72
CA MET A 125 -20.07 -16.30 -9.08
C MET A 125 -20.34 -16.92 -7.72
N MET A 126 -20.69 -16.09 -6.75
CA MET A 126 -20.95 -16.56 -5.41
C MET A 126 -22.07 -15.74 -4.77
N ASN A 127 -22.92 -16.39 -3.96
CA ASN A 127 -23.94 -15.65 -3.22
C ASN A 127 -23.20 -15.00 -2.07
N GLN A 128 -23.36 -13.69 -1.93
CA GLN A 128 -22.70 -12.86 -0.92
C GLN A 128 -22.99 -13.32 0.54
N ASP A 129 -24.18 -13.86 0.78
CA ASP A 129 -24.59 -14.29 2.12
C ASP A 129 -24.20 -15.73 2.48
N THR A 130 -24.67 -16.73 1.70
CA THR A 130 -24.35 -18.13 1.98
C THR A 130 -22.95 -18.55 1.60
N ARG A 131 -22.24 -17.74 0.77
CA ARG A 131 -20.91 -18.07 0.27
C ARG A 131 -20.94 -19.27 -0.69
N ARG A 132 -22.11 -19.57 -1.32
CA ARG A 132 -22.22 -20.71 -2.21
C ARG A 132 -21.97 -20.35 -3.64
N LEU A 133 -21.01 -21.06 -4.26
CA LEU A 133 -20.66 -20.82 -5.66
C LEU A 133 -21.81 -21.24 -6.55
N GLN A 134 -21.91 -20.59 -7.69
CA GLN A 134 -22.93 -20.93 -8.67
C GLN A 134 -22.45 -20.61 -10.08
N LYS A 135 -23.12 -21.21 -11.06
CA LYS A 135 -22.83 -20.97 -12.47
C LYS A 135 -23.40 -19.60 -12.87
N VAL A 136 -22.88 -19.03 -13.95
CA VAL A 136 -23.38 -17.76 -14.46
C VAL A 136 -24.72 -17.97 -15.18
N SER A 137 -25.75 -17.19 -14.85
CA SER A 137 -27.05 -17.32 -15.53
C SER A 137 -27.07 -16.53 -16.85
N ASP A 138 -28.01 -16.86 -17.76
CA ASP A 138 -28.13 -16.15 -19.05
C ASP A 138 -28.28 -14.65 -18.90
N ASP A 139 -29.12 -14.18 -17.96
CA ASP A 139 -29.34 -12.75 -17.74
C ASP A 139 -28.06 -11.99 -17.41
N VAL A 140 -27.19 -12.58 -16.56
CA VAL A 140 -25.94 -11.94 -16.18
C VAL A 140 -24.97 -11.96 -17.36
N ARG A 141 -24.90 -13.11 -18.06
CA ARG A 141 -24.05 -13.31 -19.22
C ARG A 141 -24.34 -12.29 -20.31
N ASP A 142 -25.62 -11.94 -20.51
CA ASP A 142 -26.03 -10.98 -21.54
C ASP A 142 -25.62 -9.56 -21.18
N GLU A 143 -25.73 -9.20 -19.90
CA GLU A 143 -25.34 -7.88 -19.40
C GLU A 143 -23.82 -7.65 -19.46
N TYR A 144 -23.03 -8.73 -19.38
CA TYR A 144 -21.58 -8.65 -19.41
C TYR A 144 -21.05 -8.60 -20.85
N LEU A 145 -21.68 -9.35 -21.75
CA LEU A 145 -21.24 -9.45 -23.14
C LEU A 145 -21.21 -8.15 -23.94
N VAL A 146 -22.02 -7.15 -23.59
CA VAL A 146 -22.00 -5.88 -24.33
C VAL A 146 -20.72 -5.03 -24.04
N PHE A 147 -19.90 -5.44 -23.06
CA PHE A 147 -18.66 -4.74 -22.68
C PHE A 147 -17.38 -5.57 -22.95
N CYS A 148 -17.53 -6.79 -23.46
CA CYS A 148 -16.45 -7.73 -23.70
C CYS A 148 -16.26 -7.95 -25.20
N PRO A 149 -15.03 -8.24 -25.68
CA PRO A 149 -14.88 -8.61 -27.11
C PRO A 149 -15.58 -9.94 -27.37
N GLN A 150 -16.22 -10.08 -28.53
CA GLN A 150 -16.97 -11.31 -28.82
C GLN A 150 -16.04 -12.41 -29.38
N GLU A 151 -14.98 -12.03 -30.10
CA GLU A 151 -13.97 -12.99 -30.54
C GLU A 151 -12.96 -13.13 -29.38
N PRO A 152 -12.39 -14.34 -29.16
CA PRO A 152 -11.42 -14.47 -28.04
C PRO A 152 -10.20 -13.58 -28.19
N ARG A 153 -9.82 -12.99 -27.06
CA ARG A 153 -8.67 -12.12 -26.90
C ARG A 153 -8.02 -12.58 -25.59
N LEU A 154 -6.82 -13.17 -25.67
CA LEU A 154 -6.18 -13.72 -24.48
C LEU A 154 -4.80 -13.18 -24.23
N ALA A 155 -4.48 -12.83 -22.99
CA ALA A 155 -3.13 -12.40 -22.65
C ALA A 155 -2.16 -13.60 -22.73
N PHE A 156 -2.66 -14.82 -22.46
CA PHE A 156 -1.90 -16.05 -22.49
C PHE A 156 -2.55 -17.00 -23.49
N PRO A 157 -2.25 -16.83 -24.79
CA PRO A 157 -2.93 -17.67 -25.80
C PRO A 157 -2.32 -19.07 -26.02
N GLU A 158 -0.99 -19.20 -25.86
CA GLU A 158 -0.22 -20.43 -26.06
C GLU A 158 -0.94 -21.73 -25.62
N GLU A 159 -0.68 -22.82 -26.37
CA GLU A 159 -1.27 -24.14 -26.23
C GLU A 159 -1.21 -24.76 -24.81
N ASN A 160 0.01 -25.00 -24.28
CA ASN A 160 0.15 -25.59 -22.95
C ASN A 160 0.78 -24.54 -22.05
N ASN A 161 0.08 -23.41 -21.85
CA ASN A 161 0.63 -22.30 -21.08
C ASN A 161 0.47 -22.47 -19.56
N ARG A 162 1.39 -21.85 -18.82
CA ARG A 162 1.50 -21.87 -17.35
C ARG A 162 0.26 -21.41 -16.57
N SER A 163 -0.56 -20.50 -17.14
CA SER A 163 -1.73 -19.94 -16.48
C SER A 163 -2.86 -20.89 -16.18
N LEU A 164 -2.90 -22.03 -16.88
CA LEU A 164 -3.97 -23.03 -16.71
C LEU A 164 -3.48 -24.35 -16.06
N LYS A 165 -2.25 -24.37 -15.52
CA LYS A 165 -1.69 -25.58 -14.93
C LYS A 165 -2.30 -25.93 -13.58
N LYS A 166 -2.60 -27.21 -13.34
CA LYS A 166 -3.12 -27.71 -12.08
C LYS A 166 -2.00 -27.58 -11.02
N ILE A 167 -2.32 -27.07 -9.82
CA ILE A 167 -1.33 -26.91 -8.75
C ILE A 167 -1.53 -27.96 -7.64
N PRO A 168 -0.49 -28.74 -7.30
CA PRO A 168 -0.64 -29.74 -6.24
C PRO A 168 -0.60 -29.15 -4.82
N LYS A 169 -0.99 -29.96 -3.83
CA LYS A 169 -0.99 -29.50 -2.44
C LYS A 169 0.33 -29.86 -1.79
N LEU A 170 1.00 -28.87 -1.18
CA LEU A 170 2.27 -29.03 -0.49
C LEU A 170 2.12 -30.10 0.63
N GLU A 171 3.06 -31.03 0.71
CA GLU A 171 3.06 -32.08 1.71
C GLU A 171 3.94 -31.68 2.90
N ASP A 172 3.46 -31.87 4.14
CA ASP A 172 4.28 -31.57 5.31
C ASP A 172 5.39 -32.64 5.42
N PRO A 173 6.61 -32.28 5.86
CA PRO A 173 7.01 -30.94 6.30
C PRO A 173 7.43 -30.01 5.15
N ALA A 174 7.14 -28.71 5.28
CA ALA A 174 7.54 -27.72 4.27
C ALA A 174 9.04 -27.43 4.43
N GLN A 175 9.73 -27.05 3.33
CA GLN A 175 11.14 -26.71 3.44
C GLN A 175 11.30 -25.40 4.24
N TYR A 176 10.48 -24.40 3.92
CA TYR A 176 10.49 -23.10 4.59
C TYR A 176 9.07 -22.70 5.05
N SER A 177 8.98 -21.83 6.06
CA SER A 177 7.69 -21.36 6.56
C SER A 177 7.78 -19.98 7.22
N MET A 178 6.67 -19.25 7.25
CA MET A 178 6.53 -17.99 7.94
C MET A 178 5.19 -18.13 8.68
N ILE A 179 5.22 -18.15 9.99
CA ILE A 179 4.07 -18.48 10.82
C ILE A 179 3.44 -17.28 11.52
N GLY A 180 2.15 -17.37 11.80
CA GLY A 180 1.45 -16.35 12.57
C GLY A 180 1.22 -15.01 11.89
N LEU A 181 1.07 -15.00 10.56
CA LEU A 181 0.79 -13.81 9.78
C LEU A 181 -0.67 -13.32 9.99
N LYS A 182 -0.86 -12.03 10.32
CA LYS A 182 -2.22 -11.50 10.57
C LYS A 182 -2.44 -10.25 9.74
N PRO A 183 -3.63 -10.05 9.17
CA PRO A 183 -3.88 -8.79 8.47
C PRO A 183 -4.11 -7.62 9.44
N ARG A 184 -3.63 -6.44 9.07
CA ARG A 184 -3.91 -5.22 9.82
C ARG A 184 -4.96 -4.39 8.97
N ARG A 185 -5.43 -3.22 9.45
CA ARG A 185 -6.46 -2.46 8.73
C ARG A 185 -6.06 -2.08 7.32
N ALA A 186 -4.76 -1.77 7.09
CA ALA A 186 -4.32 -1.45 5.74
C ALA A 186 -4.49 -2.62 4.76
N ASP A 187 -4.56 -3.87 5.26
CA ASP A 187 -4.75 -5.06 4.40
C ASP A 187 -6.22 -5.29 3.95
N LEU A 188 -7.17 -4.54 4.54
CA LEU A 188 -8.57 -4.71 4.21
C LEU A 188 -9.02 -3.76 3.09
N ASP A 189 -10.10 -4.12 2.40
CA ASP A 189 -10.66 -3.24 1.35
C ASP A 189 -11.81 -2.40 1.94
N MET A 190 -12.53 -1.62 1.12
CA MET A 190 -13.64 -0.80 1.61
C MET A 190 -14.79 -1.63 2.23
N ASN A 191 -14.89 -2.93 1.89
CA ASN A 191 -15.92 -3.83 2.47
C ASN A 191 -15.43 -4.60 3.70
N GLN A 192 -14.21 -4.29 4.19
CA GLN A 192 -13.55 -4.90 5.35
C GLN A 192 -13.14 -6.38 5.09
N HIS A 193 -12.96 -6.74 3.81
CA HIS A 193 -12.47 -8.06 3.41
C HIS A 193 -10.97 -7.95 3.14
N VAL A 194 -10.21 -9.02 3.34
CA VAL A 194 -8.78 -9.01 3.05
C VAL A 194 -8.57 -8.79 1.53
N ASN A 195 -7.75 -7.79 1.15
CA ASN A 195 -7.43 -7.46 -0.24
C ASN A 195 -6.74 -8.68 -0.87
N ASN A 196 -7.10 -9.04 -2.12
CA ASN A 196 -6.45 -10.18 -2.81
C ASN A 196 -4.94 -10.10 -2.88
N VAL A 197 -4.39 -8.86 -2.93
CA VAL A 197 -2.94 -8.63 -3.03
C VAL A 197 -2.19 -9.04 -1.75
N THR A 198 -2.84 -8.90 -0.57
CA THR A 198 -2.24 -9.32 0.72
C THR A 198 -1.85 -10.82 0.66
N TYR A 199 -2.70 -11.68 0.06
CA TYR A 199 -2.40 -13.12 -0.04
C TYR A 199 -1.11 -13.35 -0.84
N ILE A 200 -0.87 -12.56 -1.90
CA ILE A 200 0.37 -12.65 -2.69
C ILE A 200 1.56 -12.32 -1.76
N GLY A 201 1.45 -11.28 -0.96
CA GLY A 201 2.48 -10.91 0.01
C GLY A 201 2.79 -12.01 1.00
N TRP A 202 1.73 -12.61 1.56
CA TRP A 202 1.84 -13.70 2.53
C TRP A 202 2.52 -14.92 1.92
N VAL A 203 2.20 -15.30 0.66
CA VAL A 203 2.85 -16.41 -0.06
C VAL A 203 4.37 -16.17 -0.13
N LEU A 204 4.75 -14.95 -0.56
CA LEU A 204 6.14 -14.54 -0.74
C LEU A 204 6.94 -14.45 0.57
N GLU A 205 6.26 -14.28 1.70
CA GLU A 205 6.93 -14.20 2.99
C GLU A 205 7.75 -15.45 3.36
N SER A 206 7.33 -16.65 2.91
CA SER A 206 8.09 -17.86 3.21
C SER A 206 9.24 -18.15 2.23
N ILE A 207 9.45 -17.30 1.21
CA ILE A 207 10.60 -17.43 0.31
C ILE A 207 11.78 -16.87 1.10
N PRO A 208 12.92 -17.60 1.17
CA PRO A 208 14.08 -17.06 1.91
C PRO A 208 14.60 -15.76 1.29
N GLN A 209 15.13 -14.87 2.12
CA GLN A 209 15.64 -13.57 1.73
C GLN A 209 16.79 -13.66 0.71
N GLU A 210 17.60 -14.73 0.76
CA GLU A 210 18.70 -14.94 -0.19
C GLU A 210 18.19 -15.17 -1.61
N ILE A 211 17.05 -15.86 -1.78
CA ILE A 211 16.44 -16.04 -3.10
C ILE A 211 15.95 -14.69 -3.59
N VAL A 212 15.27 -13.91 -2.73
CA VAL A 212 14.80 -12.58 -3.10
C VAL A 212 15.97 -11.64 -3.49
N ASP A 213 17.07 -11.68 -2.75
CA ASP A 213 18.27 -10.86 -3.00
C ASP A 213 19.06 -11.22 -4.28
N THR A 214 19.00 -12.48 -4.73
CA THR A 214 19.75 -12.93 -5.91
C THR A 214 18.88 -13.28 -7.14
N HIS A 215 17.56 -13.30 -6.98
CA HIS A 215 16.67 -13.66 -8.09
C HIS A 215 15.58 -12.64 -8.27
N GLU A 216 15.00 -12.58 -9.46
CA GLU A 216 13.83 -11.77 -9.72
C GLU A 216 12.65 -12.73 -9.95
N LEU A 217 11.48 -12.39 -9.42
CA LEU A 217 10.28 -13.20 -9.62
C LEU A 217 9.81 -13.04 -11.08
N GLN A 218 9.69 -14.14 -11.82
CA GLN A 218 9.24 -14.08 -13.22
C GLN A 218 7.75 -14.40 -13.38
N VAL A 219 7.27 -15.46 -12.70
CA VAL A 219 5.88 -15.90 -12.82
C VAL A 219 5.35 -16.26 -11.43
N ILE A 220 4.06 -15.93 -11.14
CA ILE A 220 3.36 -16.35 -9.93
C ILE A 220 1.94 -16.81 -10.32
N THR A 221 1.55 -18.02 -9.89
CA THR A 221 0.20 -18.53 -10.13
C THR A 221 -0.38 -18.81 -8.75
N LEU A 222 -1.51 -18.23 -8.45
CA LEU A 222 -2.13 -18.39 -7.15
C LEU A 222 -3.58 -18.79 -7.24
N ASP A 223 -3.95 -19.88 -6.57
CA ASP A 223 -5.30 -20.36 -6.45
C ASP A 223 -5.89 -19.83 -5.12
N TYR A 224 -7.15 -19.38 -5.13
CA TYR A 224 -7.86 -18.84 -3.97
C TYR A 224 -8.99 -19.85 -3.64
N ARG A 225 -8.95 -20.45 -2.46
CA ARG A 225 -9.89 -21.49 -2.04
C ARG A 225 -10.95 -20.99 -1.06
N ARG A 226 -10.54 -20.20 -0.07
CA ARG A 226 -11.40 -19.60 0.99
C ARG A 226 -10.80 -18.24 1.39
N GLU A 227 -11.62 -17.38 1.99
CA GLU A 227 -11.14 -16.09 2.46
C GLU A 227 -10.52 -16.16 3.85
N CYS A 228 -9.56 -15.29 4.11
CA CYS A 228 -8.98 -15.11 5.43
C CYS A 228 -9.82 -13.99 6.06
N GLN A 229 -10.41 -14.25 7.23
CA GLN A 229 -11.17 -13.20 7.91
C GLN A 229 -10.19 -12.25 8.61
N GLN A 230 -10.65 -11.05 8.98
CA GLN A 230 -9.75 -10.08 9.61
C GLN A 230 -9.27 -10.52 11.00
N ASP A 231 -9.94 -11.48 11.65
CA ASP A 231 -9.48 -12.00 12.94
C ASP A 231 -8.77 -13.38 12.81
N ASP A 232 -8.48 -13.83 11.57
CA ASP A 232 -7.78 -15.08 11.32
C ASP A 232 -6.22 -14.90 11.36
N VAL A 233 -5.50 -16.01 11.50
CA VAL A 233 -4.02 -16.08 11.54
C VAL A 233 -3.61 -17.11 10.50
N VAL A 234 -2.62 -16.79 9.68
CA VAL A 234 -2.20 -17.62 8.57
C VAL A 234 -0.75 -18.06 8.70
N ASP A 235 -0.46 -19.28 8.22
CA ASP A 235 0.87 -19.83 8.08
C ASP A 235 1.15 -19.95 6.59
N SER A 236 2.33 -19.50 6.17
CA SER A 236 2.79 -19.50 4.77
C SER A 236 3.89 -20.58 4.63
N LEU A 237 3.67 -21.57 3.78
CA LEU A 237 4.59 -22.68 3.62
C LEU A 237 5.14 -22.72 2.18
N THR A 238 6.44 -23.05 2.01
CA THR A 238 7.15 -23.10 0.73
C THR A 238 8.12 -24.28 0.64
N THR A 239 8.17 -24.95 -0.52
CA THR A 239 9.10 -26.05 -0.78
C THR A 239 9.68 -25.85 -2.18
N THR A 240 11.02 -25.97 -2.32
CA THR A 240 11.64 -25.84 -3.63
C THR A 240 11.27 -27.07 -4.46
N THR A 241 10.80 -26.89 -5.70
CA THR A 241 10.49 -28.04 -6.57
C THR A 241 11.49 -28.20 -7.72
N SER A 242 12.32 -27.18 -7.99
CA SER A 242 13.33 -27.29 -9.04
C SER A 242 14.53 -28.19 -8.61
N ASN A 259 19.51 -22.78 -13.27
CA ASN A 259 19.42 -21.39 -13.71
C ASN A 259 18.14 -20.72 -13.18
N ASP A 260 17.04 -21.49 -13.14
CA ASP A 260 15.78 -20.98 -12.61
C ASP A 260 15.45 -21.71 -11.29
N SER A 261 14.70 -21.06 -10.41
CA SER A 261 14.26 -21.67 -9.15
C SER A 261 12.73 -21.70 -9.16
N GLN A 262 12.13 -22.85 -8.83
CA GLN A 262 10.68 -22.97 -8.78
C GLN A 262 10.28 -23.40 -7.38
N PHE A 263 9.17 -22.86 -6.88
CA PHE A 263 8.68 -23.20 -5.54
C PHE A 263 7.20 -23.57 -5.59
N LEU A 264 6.78 -24.40 -4.65
CA LEU A 264 5.38 -24.77 -4.43
C LEU A 264 4.98 -24.07 -3.10
N HIS A 265 3.81 -23.46 -3.06
CA HIS A 265 3.38 -22.68 -1.90
C HIS A 265 2.05 -23.12 -1.34
N LEU A 266 1.84 -22.90 -0.02
CA LEU A 266 0.58 -23.20 0.63
C LEU A 266 0.31 -22.22 1.77
N LEU A 267 -0.87 -21.55 1.75
CA LEU A 267 -1.31 -20.69 2.85
C LEU A 267 -2.44 -21.45 3.53
N ARG A 268 -2.35 -21.61 4.85
CA ARG A 268 -3.40 -22.28 5.61
C ARG A 268 -3.59 -21.59 6.95
N LEU A 269 -4.78 -21.71 7.58
CA LEU A 269 -5.01 -21.08 8.88
C LEU A 269 -4.12 -21.71 9.96
N SER A 270 -3.52 -20.88 10.84
CA SER A 270 -2.59 -21.30 11.90
C SER A 270 -3.16 -22.33 12.85
N GLY A 271 -4.46 -22.26 13.07
CA GLY A 271 -5.13 -23.16 13.98
C GLY A 271 -5.35 -24.53 13.39
N ASP A 272 -6.52 -24.72 12.77
CA ASP A 272 -6.91 -26.02 12.23
C ASP A 272 -6.22 -26.47 10.93
N GLY A 273 -5.39 -25.62 10.32
CA GLY A 273 -4.71 -25.99 9.09
C GLY A 273 -5.57 -26.01 7.82
N GLN A 274 -6.71 -25.31 7.86
CA GLN A 274 -7.64 -25.14 6.76
C GLN A 274 -6.95 -24.39 5.59
N GLU A 275 -6.94 -24.98 4.38
CA GLU A 275 -6.31 -24.34 3.22
C GLU A 275 -7.05 -23.05 2.78
N ILE A 276 -6.30 -21.96 2.57
CA ILE A 276 -6.90 -20.74 2.02
C ILE A 276 -6.38 -20.52 0.58
N ASN A 277 -5.09 -20.84 0.32
CA ASN A 277 -4.48 -20.69 -1.00
C ASN A 277 -3.42 -21.73 -1.26
N ARG A 278 -3.16 -21.99 -2.53
CA ARG A 278 -2.03 -22.78 -3.00
C ARG A 278 -1.47 -22.07 -4.25
N GLY A 279 -0.18 -22.22 -4.50
CA GLY A 279 0.41 -21.58 -5.68
C GLY A 279 1.81 -22.04 -6.02
N THR A 280 2.37 -21.52 -7.10
CA THR A 280 3.74 -21.79 -7.57
C THR A 280 4.38 -20.46 -7.99
N THR A 281 5.70 -20.34 -7.80
CA THR A 281 6.45 -19.16 -8.27
C THR A 281 7.68 -19.63 -9.07
N LEU A 282 8.07 -18.86 -10.09
CA LEU A 282 9.25 -19.16 -10.87
C LEU A 282 10.16 -17.95 -10.78
N TRP A 283 11.43 -18.17 -10.45
CA TRP A 283 12.39 -17.09 -10.25
C TRP A 283 13.60 -17.28 -11.15
N ARG A 284 14.11 -16.19 -11.70
CA ARG A 284 15.27 -16.24 -12.56
C ARG A 284 16.44 -15.53 -11.90
N LYS A 285 17.64 -16.12 -11.98
CA LYS A 285 18.83 -15.51 -11.36
C LYS A 285 19.13 -14.14 -12.00
N LYS A 286 19.47 -13.13 -11.18
CA LYS A 286 19.75 -11.78 -11.67
C LYS A 286 21.01 -11.74 -12.57
N GLY B 2 3.92 16.45 -10.84
CA GLY B 2 4.30 17.41 -9.82
C GLY B 2 5.34 18.40 -10.31
N SER B 3 5.47 19.52 -9.60
CA SER B 3 6.45 20.53 -10.00
C SER B 3 6.78 21.49 -8.88
N LEU B 4 8.00 22.05 -8.91
CA LEU B 4 8.36 23.13 -7.98
C LEU B 4 7.48 24.35 -8.32
N THR B 5 7.11 25.15 -7.31
CA THR B 5 6.33 26.36 -7.55
C THR B 5 7.17 27.45 -8.24
N GLU B 6 6.55 28.60 -8.61
CA GLU B 6 7.24 29.68 -9.30
C GLU B 6 8.56 30.13 -8.65
N ASP B 7 8.56 30.36 -7.33
CA ASP B 7 9.77 30.81 -6.63
C ASP B 7 10.82 29.69 -6.40
N GLY B 8 10.45 28.42 -6.61
CA GLY B 8 11.35 27.29 -6.43
C GLY B 8 11.59 26.92 -4.97
N LEU B 9 10.80 27.50 -4.04
CA LEU B 9 10.95 27.23 -2.61
C LEU B 9 9.91 26.25 -2.05
N SER B 10 9.04 25.68 -2.91
CA SER B 10 8.06 24.67 -2.49
C SER B 10 7.67 23.79 -3.68
N TYR B 11 6.95 22.70 -3.44
CA TYR B 11 6.63 21.72 -4.48
C TYR B 11 5.18 21.29 -4.37
N LYS B 12 4.49 21.18 -5.51
CA LYS B 12 3.10 20.75 -5.53
C LYS B 12 2.93 19.50 -6.38
N GLU B 13 1.99 18.64 -5.99
CA GLU B 13 1.68 17.44 -6.77
C GLU B 13 0.19 17.03 -6.57
N LYS B 14 -0.44 16.56 -7.64
CA LYS B 14 -1.83 16.12 -7.59
C LYS B 14 -1.91 14.59 -7.59
N PHE B 15 -2.83 14.03 -6.81
CA PHE B 15 -3.02 12.58 -6.69
C PHE B 15 -4.48 12.21 -6.83
N VAL B 16 -4.78 11.15 -7.59
CA VAL B 16 -6.14 10.65 -7.75
C VAL B 16 -6.25 9.50 -6.75
N VAL B 17 -7.18 9.60 -5.80
CA VAL B 17 -7.35 8.55 -4.76
C VAL B 17 -7.78 7.18 -5.36
N ARG B 18 -6.97 6.12 -5.10
CA ARG B 18 -7.19 4.77 -5.64
C ARG B 18 -8.19 3.91 -4.88
N SER B 19 -8.82 2.93 -5.57
CA SER B 19 -9.76 1.97 -4.95
C SER B 19 -9.20 1.26 -3.73
N TYR B 20 -7.95 0.73 -3.78
CA TYR B 20 -7.36 0.04 -2.63
C TYR B 20 -6.84 0.96 -1.52
N GLU B 21 -6.83 2.28 -1.78
CA GLU B 21 -6.36 3.30 -0.83
C GLU B 21 -7.44 3.76 0.16
N VAL B 22 -8.70 3.34 -0.03
CA VAL B 22 -9.79 3.81 0.83
C VAL B 22 -10.29 2.77 1.84
N GLY B 23 -10.83 3.26 2.95
CA GLY B 23 -11.43 2.44 4.01
C GLY B 23 -12.92 2.25 3.86
N SER B 24 -13.62 1.86 4.95
CA SER B 24 -15.06 1.57 4.92
C SER B 24 -15.96 2.74 4.49
N ASN B 25 -15.54 3.99 4.72
CA ASN B 25 -16.31 5.17 4.30
C ASN B 25 -16.04 5.62 2.84
N LYS B 26 -15.29 4.81 2.07
CA LYS B 26 -14.91 5.13 0.71
C LYS B 26 -14.10 6.43 0.58
N THR B 27 -13.33 6.76 1.64
CA THR B 27 -12.41 7.88 1.69
C THR B 27 -11.01 7.34 2.10
N ALA B 28 -9.94 8.07 1.69
CA ALA B 28 -8.56 7.68 1.95
C ALA B 28 -8.28 7.45 3.43
N THR B 29 -7.49 6.42 3.73
CA THR B 29 -7.09 6.16 5.11
C THR B 29 -5.98 7.15 5.51
N VAL B 30 -5.73 7.30 6.82
CA VAL B 30 -4.61 8.16 7.26
C VAL B 30 -3.27 7.59 6.75
N GLU B 31 -3.18 6.26 6.54
CA GLU B 31 -1.97 5.65 6.01
C GLU B 31 -1.77 6.01 4.54
N THR B 32 -2.85 6.12 3.75
CA THR B 32 -2.75 6.57 2.35
C THR B 32 -2.27 8.02 2.34
N ILE B 33 -2.84 8.87 3.21
CA ILE B 33 -2.43 10.26 3.34
C ILE B 33 -0.93 10.35 3.65
N ALA B 34 -0.45 9.61 4.70
CA ALA B 34 0.95 9.56 5.07
C ALA B 34 1.84 9.09 3.92
N ASN B 35 1.40 8.10 3.10
CA ASN B 35 2.18 7.63 1.94
C ASN B 35 2.29 8.74 0.89
N LEU B 36 1.20 9.47 0.64
CA LEU B 36 1.19 10.60 -0.32
C LEU B 36 2.11 11.73 0.16
N LEU B 37 2.15 11.98 1.47
CA LEU B 37 3.05 12.98 2.04
C LEU B 37 4.50 12.58 1.76
N GLN B 38 4.82 11.31 1.99
CA GLN B 38 6.19 10.82 1.76
C GLN B 38 6.54 10.89 0.27
N GLU B 39 5.60 10.52 -0.62
CA GLU B 39 5.82 10.57 -2.07
C GLU B 39 6.10 12.02 -2.57
N VAL B 40 5.30 13.01 -2.14
CA VAL B 40 5.52 14.40 -2.57
C VAL B 40 6.86 14.94 -1.95
N GLY B 41 7.21 14.49 -0.74
CA GLY B 41 8.48 14.84 -0.10
C GLY B 41 9.65 14.32 -0.92
N CYS B 42 9.58 13.03 -1.36
CA CYS B 42 10.62 12.42 -2.18
C CYS B 42 10.74 13.13 -3.53
N ASN B 43 9.59 13.51 -4.16
CA ASN B 43 9.60 14.18 -5.46
C ASN B 43 10.21 15.60 -5.38
N HIS B 44 9.99 16.27 -4.25
CA HIS B 44 10.54 17.59 -3.97
C HIS B 44 12.09 17.47 -3.85
N ALA B 45 12.59 16.53 -3.01
CA ALA B 45 14.03 16.27 -2.85
C ALA B 45 14.71 15.97 -4.21
N GLN B 46 14.08 15.13 -5.04
CA GLN B 46 14.58 14.77 -6.36
C GLN B 46 14.67 15.98 -7.28
N SER B 47 13.65 16.85 -7.26
CA SER B 47 13.61 18.04 -8.10
C SER B 47 14.69 19.06 -7.76
N VAL B 48 15.15 19.12 -6.51
CA VAL B 48 16.20 20.07 -6.13
C VAL B 48 17.60 19.43 -6.00
N GLY B 49 17.80 18.26 -6.60
CA GLY B 49 19.10 17.60 -6.62
C GLY B 49 19.49 16.65 -5.51
N PHE B 50 18.53 16.05 -4.80
CA PHE B 50 18.86 15.07 -3.76
C PHE B 50 18.49 13.67 -4.22
N ALA B 56 17.12 12.13 1.01
CA ALA B 56 17.38 13.57 0.96
C ALA B 56 18.77 13.92 1.47
N THR B 57 19.76 13.05 1.23
CA THR B 57 21.13 13.32 1.65
C THR B 57 21.77 14.36 0.73
N THR B 58 22.54 15.27 1.31
CA THR B 58 23.27 16.30 0.58
C THR B 58 24.69 15.77 0.19
N THR B 59 25.52 16.59 -0.48
CA THR B 59 26.87 16.18 -0.84
C THR B 59 27.74 16.00 0.41
N THR B 60 27.61 16.91 1.38
CA THR B 60 28.36 16.83 2.63
C THR B 60 27.90 15.61 3.45
N MET B 61 26.60 15.30 3.42
CA MET B 61 26.06 14.15 4.16
C MET B 61 26.61 12.81 3.65
N ARG B 62 26.71 12.61 2.33
CA ARG B 62 27.23 11.36 1.78
C ARG B 62 28.71 11.18 2.13
N LYS B 63 29.47 12.28 2.15
CA LYS B 63 30.89 12.28 2.46
C LYS B 63 31.13 11.93 3.95
N LEU B 64 30.17 12.26 4.84
CA LEU B 64 30.31 11.97 6.26
C LEU B 64 29.42 10.83 6.76
N HIS B 65 28.82 10.03 5.85
CA HIS B 65 27.91 8.93 6.21
C HIS B 65 26.76 9.41 7.11
N LEU B 66 26.15 10.54 6.78
CA LEU B 66 25.06 11.11 7.55
C LEU B 66 23.72 10.95 6.83
N ILE B 67 22.64 10.71 7.60
CA ILE B 67 21.27 10.61 7.06
C ILE B 67 20.27 11.40 7.91
N TRP B 68 19.10 11.72 7.34
CA TRP B 68 17.99 12.34 8.07
C TRP B 68 17.09 11.25 8.57
N VAL B 69 16.65 11.37 9.80
CA VAL B 69 15.78 10.41 10.43
C VAL B 69 14.59 11.13 11.08
N THR B 70 13.38 10.57 11.00
CA THR B 70 12.22 11.21 11.60
C THR B 70 12.25 11.15 13.11
N ALA B 71 11.98 12.28 13.74
CA ALA B 71 11.82 12.34 15.19
C ALA B 71 10.33 12.44 15.55
N ARG B 72 9.54 13.10 14.70
CA ARG B 72 8.13 13.34 14.97
C ARG B 72 7.37 13.61 13.69
N MET B 73 6.13 13.08 13.62
CA MET B 73 5.17 13.26 12.55
C MET B 73 3.86 13.76 13.18
N HIS B 74 3.27 14.84 12.67
CA HIS B 74 2.01 15.38 13.17
C HIS B 74 1.10 15.69 11.99
N ILE B 75 -0.08 15.06 11.92
CA ILE B 75 -1.03 15.23 10.82
C ILE B 75 -2.43 15.59 11.34
N GLU B 76 -3.06 16.60 10.72
N GLU B 76 -3.05 16.59 10.71
N GLU B 76 -3.06 16.60 10.72
CA GLU B 76 -4.42 17.00 11.06
CA GLU B 76 -4.41 17.01 11.03
CA GLU B 76 -4.42 17.00 11.06
C GLU B 76 -5.27 16.97 9.78
C GLU B 76 -5.27 16.96 9.77
C GLU B 76 -5.27 16.97 9.79
N ILE B 77 -6.31 16.13 9.77
CA ILE B 77 -7.20 16.02 8.62
C ILE B 77 -8.58 16.56 8.91
N TYR B 78 -9.07 17.50 8.08
CA TYR B 78 -10.42 18.08 8.21
C TYR B 78 -11.40 17.25 7.38
N LYS B 79 -11.01 16.88 6.17
CA LYS B 79 -11.81 16.04 5.29
C LYS B 79 -10.89 15.05 4.58
N TYR B 80 -11.22 13.76 4.59
CA TYR B 80 -10.48 12.75 3.86
C TYR B 80 -11.03 12.70 2.43
N PRO B 81 -10.17 12.72 1.41
CA PRO B 81 -10.67 12.70 0.01
C PRO B 81 -11.32 11.37 -0.35
N ALA B 82 -12.40 11.43 -1.13
CA ALA B 82 -13.09 10.22 -1.54
C ALA B 82 -12.35 9.53 -2.70
N TRP B 83 -12.65 8.24 -2.91
CA TRP B 83 -12.15 7.39 -3.99
C TRP B 83 -12.48 8.07 -5.34
N GLY B 84 -11.46 8.35 -6.14
CA GLY B 84 -11.64 9.03 -7.40
C GLY B 84 -11.40 10.53 -7.36
N ASP B 85 -11.41 11.13 -6.14
CA ASP B 85 -11.16 12.55 -5.98
C ASP B 85 -9.67 12.87 -6.23
N VAL B 86 -9.39 14.11 -6.59
CA VAL B 86 -8.02 14.57 -6.79
C VAL B 86 -7.65 15.45 -5.61
N VAL B 87 -6.56 15.11 -4.92
CA VAL B 87 -6.04 15.92 -3.82
C VAL B 87 -4.74 16.61 -4.27
N GLU B 88 -4.56 17.90 -3.93
CA GLU B 88 -3.31 18.59 -4.27
C GLU B 88 -2.52 18.80 -2.98
N ILE B 89 -1.27 18.39 -2.95
CA ILE B 89 -0.43 18.56 -1.77
C ILE B 89 0.75 19.50 -2.08
N GLU B 90 0.95 20.52 -1.24
CA GLU B 90 2.11 21.42 -1.35
C GLU B 90 3.06 21.11 -0.16
N THR B 91 4.37 21.01 -0.40
CA THR B 91 5.35 20.70 0.64
C THR B 91 6.58 21.63 0.55
N TRP B 92 7.21 21.86 1.68
CA TRP B 92 8.42 22.69 1.75
C TRP B 92 9.24 22.29 2.99
N CYS B 93 10.51 22.68 3.01
CA CYS B 93 11.43 22.38 4.09
C CYS B 93 11.94 23.63 4.74
N GLN B 94 12.40 23.51 5.98
CA GLN B 94 13.03 24.63 6.70
C GLN B 94 14.11 24.09 7.64
N SER B 95 15.23 24.83 7.79
CA SER B 95 16.28 24.50 8.76
C SER B 95 15.81 25.05 10.12
N GLU B 96 16.02 24.29 11.19
CA GLU B 96 15.68 24.75 12.53
C GLU B 96 17.00 24.86 13.30
N GLY B 97 17.88 25.74 12.81
CA GLY B 97 19.21 25.93 13.38
C GLY B 97 20.02 24.65 13.28
N ARG B 98 20.70 24.28 14.36
CA ARG B 98 21.46 23.03 14.40
C ARG B 98 20.68 21.87 15.06
N ILE B 99 19.43 22.12 15.52
CA ILE B 99 18.63 21.03 16.11
C ILE B 99 18.25 20.00 15.02
N GLY B 100 17.90 20.50 13.83
CA GLY B 100 17.50 19.64 12.73
C GLY B 100 16.79 20.41 11.63
N THR B 101 15.92 19.71 10.92
CA THR B 101 15.16 20.25 9.82
C THR B 101 13.65 19.90 10.00
N ARG B 102 12.79 20.60 9.29
CA ARG B 102 11.35 20.41 9.37
C ARG B 102 10.78 20.31 7.94
N ARG B 103 9.82 19.39 7.72
CA ARG B 103 9.15 19.34 6.44
C ARG B 103 7.68 19.53 6.75
N ASP B 104 7.03 20.48 6.06
CA ASP B 104 5.60 20.79 6.22
C ASP B 104 4.78 20.48 4.96
N TRP B 105 3.49 20.23 5.14
CA TRP B 105 2.59 19.96 4.03
C TRP B 105 1.23 20.63 4.23
N ILE B 106 0.59 20.98 3.10
CA ILE B 106 -0.76 21.49 3.06
C ILE B 106 -1.52 20.66 2.02
N LEU B 107 -2.66 20.09 2.43
N LEU B 107 -2.66 20.09 2.43
N LEU B 107 -2.66 20.09 2.43
CA LEU B 107 -3.48 19.27 1.55
CA LEU B 107 -3.48 19.27 1.55
CA LEU B 107 -3.48 19.27 1.55
C LEU B 107 -4.70 20.09 1.14
C LEU B 107 -4.70 20.09 1.14
C LEU B 107 -4.70 20.09 1.14
N LYS B 108 -5.04 20.07 -0.14
CA LYS B 108 -6.20 20.81 -0.66
C LYS B 108 -7.07 19.95 -1.57
N ASP B 109 -8.36 20.28 -1.63
CA ASP B 109 -9.30 19.66 -2.57
C ASP B 109 -8.98 20.39 -3.88
N SER B 110 -8.64 19.64 -4.94
CA SER B 110 -8.27 20.25 -6.21
C SER B 110 -9.44 20.99 -6.89
N VAL B 111 -10.67 20.53 -6.64
CA VAL B 111 -11.85 21.14 -7.24
C VAL B 111 -12.25 22.43 -6.51
N THR B 112 -12.36 22.39 -5.17
CA THR B 112 -12.79 23.57 -4.42
C THR B 112 -11.65 24.52 -4.05
N GLY B 113 -10.43 24.02 -3.96
CA GLY B 113 -9.27 24.81 -3.55
C GLY B 113 -9.17 24.99 -2.04
N GLU B 114 -10.07 24.35 -1.28
CA GLU B 114 -10.13 24.44 0.17
C GLU B 114 -9.08 23.52 0.85
N VAL B 115 -8.50 23.98 1.98
CA VAL B 115 -7.54 23.19 2.75
C VAL B 115 -8.28 22.08 3.48
N THR B 116 -7.95 20.84 3.17
CA THR B 116 -8.57 19.67 3.78
C THR B 116 -7.66 18.97 4.82
N GLY B 117 -6.43 19.43 4.94
CA GLY B 117 -5.48 18.86 5.90
C GLY B 117 -4.15 19.57 5.91
N ARG B 118 -3.36 19.32 6.94
N ARG B 118 -3.36 19.31 6.94
N ARG B 118 -3.36 19.31 6.93
CA ARG B 118 -2.02 19.87 7.08
CA ARG B 118 -2.02 19.86 7.07
CA ARG B 118 -2.02 19.86 7.07
C ARG B 118 -1.15 18.96 7.94
C ARG B 118 -1.15 18.96 7.94
C ARG B 118 -1.16 18.93 7.92
N ALA B 119 0.15 18.93 7.66
CA ALA B 119 1.07 18.09 8.38
C ALA B 119 2.43 18.75 8.56
N THR B 120 3.17 18.29 9.58
CA THR B 120 4.48 18.79 9.93
C THR B 120 5.31 17.62 10.45
N SER B 121 6.60 17.65 10.17
CA SER B 121 7.49 16.58 10.62
C SER B 121 8.85 17.17 11.01
N LYS B 122 9.46 16.61 12.07
CA LYS B 122 10.77 17.01 12.56
C LYS B 122 11.79 15.91 12.25
N TRP B 123 12.94 16.29 11.72
CA TRP B 123 13.98 15.37 11.31
C TRP B 123 15.31 15.72 12.03
N VAL B 124 16.04 14.71 12.49
CA VAL B 124 17.33 14.90 13.16
C VAL B 124 18.46 14.21 12.36
N MET B 125 19.69 14.72 12.50
CA MET B 125 20.82 14.12 11.77
C MET B 125 21.35 12.92 12.55
N MET B 126 21.74 11.88 11.82
CA MET B 126 22.25 10.67 12.44
C MET B 126 23.35 10.06 11.57
N ASN B 127 24.37 9.48 12.20
CA ASN B 127 25.40 8.76 11.45
C ASN B 127 24.74 7.43 11.06
N GLN B 128 24.72 7.06 9.77
CA GLN B 128 24.02 5.82 9.37
C GLN B 128 24.69 4.54 9.89
N ASP B 129 25.98 4.59 10.24
CA ASP B 129 26.67 3.40 10.76
C ASP B 129 26.51 3.24 12.28
N THR B 130 26.96 4.22 13.08
CA THR B 130 26.87 4.12 14.53
C THR B 130 25.48 4.38 15.11
N ARG B 131 24.55 4.95 14.30
CA ARG B 131 23.21 5.35 14.72
C ARG B 131 23.25 6.47 15.77
N ARG B 132 24.33 7.28 15.81
CA ARG B 132 24.46 8.34 16.79
C ARG B 132 23.96 9.66 16.27
N LEU B 133 23.01 10.25 16.99
CA LEU B 133 22.43 11.54 16.63
C LEU B 133 23.47 12.63 16.76
N GLN B 134 23.33 13.66 15.95
CA GLN B 134 24.21 14.81 16.01
C GLN B 134 23.51 16.07 15.58
N LYS B 135 24.09 17.22 15.92
CA LYS B 135 23.53 18.50 15.51
C LYS B 135 23.93 18.78 14.04
N VAL B 136 23.19 19.65 13.36
CA VAL B 136 23.45 20.02 11.97
C VAL B 136 24.68 20.94 11.89
N SER B 137 25.64 20.61 11.02
CA SER B 137 26.83 21.46 10.87
C SER B 137 26.56 22.63 9.91
N ASP B 138 27.39 23.69 9.97
CA ASP B 138 27.24 24.86 9.08
C ASP B 138 27.23 24.49 7.59
N ASP B 139 28.14 23.60 7.16
CA ASP B 139 28.22 23.19 5.76
C ASP B 139 26.91 22.57 5.24
N VAL B 140 26.26 21.73 6.06
CA VAL B 140 25.01 21.10 5.66
C VAL B 140 23.88 22.13 5.66
N ARG B 141 23.85 22.99 6.68
CA ARG B 141 22.87 24.06 6.83
C ARG B 141 22.87 25.00 5.64
N ASP B 142 24.06 25.29 5.08
CA ASP B 142 24.20 26.19 3.95
C ASP B 142 23.68 25.57 2.66
N GLU B 143 23.93 24.27 2.48
CA GLU B 143 23.45 23.51 1.31
C GLU B 143 21.93 23.35 1.29
N TYR B 144 21.29 23.34 2.47
CA TYR B 144 19.84 23.18 2.59
C TYR B 144 19.11 24.52 2.42
N LEU B 145 19.70 25.61 2.92
CA LEU B 145 19.08 26.92 2.90
C LEU B 145 18.77 27.50 1.51
N VAL B 146 19.50 27.09 0.46
CA VAL B 146 19.20 27.59 -0.89
C VAL B 146 17.90 27.02 -1.50
N PHE B 147 17.28 26.03 -0.85
CA PHE B 147 16.04 25.39 -1.30
C PHE B 147 14.84 25.63 -0.33
N CYS B 148 15.06 26.33 0.77
CA CYS B 148 14.08 26.59 1.81
C CYS B 148 13.71 28.07 1.83
N PRO B 149 12.46 28.43 2.23
CA PRO B 149 12.15 29.87 2.40
C PRO B 149 12.98 30.42 3.57
N GLN B 150 13.46 31.67 3.44
CA GLN B 150 14.31 32.24 4.49
C GLN B 150 13.46 32.85 5.64
N GLU B 151 12.27 33.37 5.31
CA GLU B 151 11.34 33.83 6.34
C GLU B 151 10.52 32.60 6.78
N PRO B 152 10.13 32.51 8.06
CA PRO B 152 9.36 31.33 8.49
C PRO B 152 8.04 31.17 7.77
N ARG B 153 7.74 29.92 7.43
CA ARG B 153 6.54 29.47 6.76
C ARG B 153 6.15 28.19 7.50
N LEU B 154 5.04 28.23 8.25
CA LEU B 154 4.65 27.08 9.07
C LEU B 154 3.24 26.57 8.79
N ALA B 155 3.08 25.25 8.62
CA ALA B 155 1.75 24.68 8.45
C ALA B 155 0.94 24.83 9.78
N PHE B 156 1.63 24.83 10.93
CA PHE B 156 1.05 24.98 12.26
C PHE B 156 1.71 26.18 12.92
N PRO B 157 1.27 27.41 12.59
CA PRO B 157 1.98 28.59 13.12
C PRO B 157 1.57 29.02 14.52
N GLU B 158 0.28 28.83 14.88
CA GLU B 158 -0.32 29.17 16.17
C GLU B 158 0.58 28.85 17.37
N GLU B 159 0.71 29.80 18.31
CA GLU B 159 1.55 29.57 19.49
C GLU B 159 0.90 28.52 20.40
N ASN B 160 1.73 27.64 21.00
CA ASN B 160 1.29 26.55 21.89
C ASN B 160 0.30 25.58 21.18
N ASN B 161 0.59 25.20 19.93
CA ASN B 161 -0.31 24.31 19.19
C ASN B 161 -0.01 22.80 19.42
N ARG B 162 -0.92 21.91 18.97
CA ARG B 162 -0.84 20.46 19.17
C ARG B 162 0.45 19.79 18.66
N SER B 163 1.04 20.30 17.56
CA SER B 163 2.22 19.70 16.93
C SER B 163 3.49 19.70 17.74
N LEU B 164 3.58 20.57 18.75
CA LEU B 164 4.77 20.70 19.59
C LEU B 164 4.56 20.22 21.05
N LYS B 165 3.44 19.54 21.33
CA LYS B 165 3.13 19.11 22.68
C LYS B 165 3.97 17.90 23.13
N LYS B 166 4.43 17.91 24.38
CA LYS B 166 5.19 16.82 24.97
C LYS B 166 4.22 15.62 25.17
N ILE B 167 4.64 14.41 24.78
CA ILE B 167 3.78 13.22 24.92
C ILE B 167 4.28 12.32 26.07
N PRO B 168 3.40 12.00 27.04
CA PRO B 168 3.82 11.13 28.15
C PRO B 168 3.90 9.64 27.78
N LYS B 169 4.53 8.85 28.65
CA LYS B 169 4.67 7.42 28.41
C LYS B 169 3.52 6.67 29.05
N LEU B 170 2.83 5.84 28.27
CA LEU B 170 1.69 5.04 28.72
C LEU B 170 2.13 4.13 29.89
N GLU B 171 1.34 4.09 30.96
CA GLU B 171 1.64 3.27 32.13
C GLU B 171 0.90 1.93 32.04
N ASP B 172 1.58 0.82 32.34
CA ASP B 172 0.91 -0.49 32.34
C ASP B 172 -0.05 -0.56 33.56
N PRO B 173 -1.22 -1.19 33.44
CA PRO B 173 -1.73 -1.89 32.25
C PRO B 173 -2.42 -0.96 31.23
N ALA B 174 -2.28 -1.28 29.94
CA ALA B 174 -2.94 -0.50 28.89
C ALA B 174 -4.42 -0.89 28.84
N GLN B 175 -5.31 0.03 28.40
CA GLN B 175 -6.72 -0.29 28.29
C GLN B 175 -6.93 -1.30 27.16
N TYR B 176 -6.29 -1.05 26.01
CA TYR B 176 -6.36 -1.93 24.83
C TYR B 176 -4.95 -2.26 24.30
N SER B 177 -4.83 -3.37 23.57
CA SER B 177 -3.55 -3.78 23.01
C SER B 177 -3.71 -4.66 21.75
N MET B 178 -2.70 -4.68 20.90
CA MET B 178 -2.62 -5.55 19.74
C MET B 178 -1.17 -6.08 19.79
N ILE B 179 -1.03 -7.37 20.01
CA ILE B 179 0.28 -7.98 20.27
C ILE B 179 0.84 -8.79 19.12
N GLY B 180 2.18 -8.87 19.05
CA GLY B 180 2.84 -9.70 18.06
C GLY B 180 2.80 -9.23 16.62
N LEU B 181 2.76 -7.92 16.40
CA LEU B 181 2.77 -7.30 15.07
C LEU B 181 4.18 -7.43 14.42
N LYS B 182 4.25 -7.92 13.18
CA LYS B 182 5.54 -8.08 12.50
C LYS B 182 5.47 -7.45 11.14
N PRO B 183 6.55 -6.78 10.68
CA PRO B 183 6.54 -6.26 9.30
C PRO B 183 6.77 -7.39 8.27
N ARG B 184 6.09 -7.28 7.12
CA ARG B 184 6.32 -8.17 6.00
C ARG B 184 7.11 -7.35 4.92
N ARG B 185 7.48 -7.95 3.77
CA ARG B 185 8.31 -7.25 2.77
C ARG B 185 7.67 -5.98 2.25
N ALA B 186 6.32 -5.95 2.11
CA ALA B 186 5.65 -4.75 1.66
C ALA B 186 5.82 -3.59 2.65
N ASP B 187 6.12 -3.85 3.92
CA ASP B 187 6.33 -2.79 4.94
C ASP B 187 7.73 -2.14 4.87
N LEU B 188 8.65 -2.70 4.08
CA LEU B 188 10.02 -2.19 4.01
C LEU B 188 10.16 -1.20 2.85
N ASP B 189 11.17 -0.33 2.94
CA ASP B 189 11.46 0.62 1.85
C ASP B 189 12.57 0.03 0.94
N MET B 190 13.06 0.81 -0.04
CA MET B 190 14.13 0.33 -0.93
C MET B 190 15.45 0.00 -0.19
N ASN B 191 15.65 0.56 1.02
CA ASN B 191 16.86 0.28 1.83
C ASN B 191 16.64 -0.86 2.84
N GLN B 192 15.48 -1.56 2.78
CA GLN B 192 15.08 -2.67 3.65
C GLN B 192 14.82 -2.22 5.12
N HIS B 193 14.50 -0.93 5.31
CA HIS B 193 14.13 -0.38 6.60
C HIS B 193 12.60 -0.32 6.67
N VAL B 194 12.01 -0.44 7.87
CA VAL B 194 10.57 -0.34 8.01
C VAL B 194 10.11 1.09 7.60
N ASN B 195 9.13 1.20 6.70
CA ASN B 195 8.59 2.47 6.23
C ASN B 195 7.97 3.21 7.43
N ASN B 196 8.18 4.53 7.56
CA ASN B 196 7.60 5.31 8.67
C ASN B 196 6.09 5.18 8.80
N VAL B 197 5.39 4.97 7.66
CA VAL B 197 3.93 4.84 7.62
C VAL B 197 3.43 3.57 8.31
N THR B 198 4.21 2.47 8.25
CA THR B 198 3.88 1.19 8.93
C THR B 198 3.66 1.45 10.45
N TYR B 199 4.52 2.30 11.08
CA TYR B 199 4.40 2.58 12.52
C TYR B 199 3.04 3.25 12.82
N ILE B 200 2.55 4.14 11.92
CA ILE B 200 1.23 4.77 12.08
C ILE B 200 0.15 3.66 12.07
N GLY B 201 0.25 2.72 11.14
CA GLY B 201 -0.68 1.59 11.07
C GLY B 201 -0.69 0.75 12.34
N TRP B 202 0.50 0.44 12.85
CA TRP B 202 0.67 -0.35 14.08
C TRP B 202 0.07 0.35 15.28
N VAL B 203 0.25 1.68 15.42
CA VAL B 203 -0.36 2.49 16.50
C VAL B 203 -1.88 2.33 16.48
N LEU B 204 -2.47 2.50 15.27
CA LEU B 204 -3.91 2.44 15.06
C LEU B 204 -4.52 1.05 15.26
N GLU B 205 -3.71 -0.02 15.17
CA GLU B 205 -4.19 -1.37 15.37
C GLU B 205 -4.79 -1.62 16.77
N SER B 206 -4.30 -0.93 17.80
CA SER B 206 -4.85 -1.13 19.14
C SER B 206 -6.09 -0.26 19.45
N ILE B 207 -6.54 0.57 18.50
CA ILE B 207 -7.78 1.33 18.66
C ILE B 207 -8.91 0.33 18.41
N PRO B 208 -9.92 0.24 19.29
CA PRO B 208 -11.03 -0.72 19.05
C PRO B 208 -11.79 -0.38 17.76
N GLN B 209 -12.28 -1.41 17.07
CA GLN B 209 -13.02 -1.30 15.82
C GLN B 209 -14.29 -0.43 15.94
N GLU B 210 -14.94 -0.40 17.11
CA GLU B 210 -16.13 0.42 17.35
C GLU B 210 -15.80 1.92 17.27
N ILE B 211 -14.62 2.33 17.77
CA ILE B 211 -14.19 3.72 17.66
C ILE B 211 -13.95 4.04 16.20
N VAL B 212 -13.26 3.16 15.46
CA VAL B 212 -13.01 3.38 14.04
C VAL B 212 -14.33 3.46 13.24
N ASP B 213 -15.31 2.60 13.53
CA ASP B 213 -16.61 2.55 12.87
C ASP B 213 -17.52 3.78 13.14
N THR B 214 -17.37 4.44 14.30
CA THR B 214 -18.23 5.57 14.68
C THR B 214 -17.51 6.93 14.71
N HIS B 215 -16.19 6.95 14.58
CA HIS B 215 -15.43 8.20 14.64
C HIS B 215 -14.51 8.34 13.45
N GLU B 216 -14.12 9.58 13.15
CA GLU B 216 -13.11 9.85 12.15
C GLU B 216 -11.86 10.36 12.88
N LEU B 217 -10.69 9.93 12.45
CA LEU B 217 -9.43 10.40 13.05
C LEU B 217 -9.19 11.86 12.61
N GLN B 218 -9.03 12.78 13.57
CA GLN B 218 -8.83 14.19 13.26
C GLN B 218 -7.35 14.62 13.34
N VAL B 219 -6.65 14.16 14.38
CA VAL B 219 -5.23 14.51 14.60
C VAL B 219 -4.47 13.28 15.08
N ILE B 220 -3.20 13.10 14.62
CA ILE B 220 -2.30 12.07 15.10
C ILE B 220 -0.90 12.70 15.28
N THR B 221 -0.30 12.53 16.47
CA THR B 221 1.06 13.02 16.73
C THR B 221 1.86 11.80 17.14
N LEU B 222 2.93 11.54 16.43
CA LEU B 222 3.74 10.37 16.69
C LEU B 222 5.22 10.70 16.87
N ASP B 223 5.80 10.26 17.98
CA ASP B 223 7.22 10.39 18.26
C ASP B 223 7.91 9.09 17.85
N TYR B 224 9.09 9.17 17.23
CA TYR B 224 9.89 8.03 16.78
C TYR B 224 11.18 8.00 17.64
N ARG B 225 11.37 6.96 18.43
CA ARG B 225 12.50 6.86 19.37
C ARG B 225 13.58 5.93 18.87
N ARG B 226 13.17 4.84 18.25
CA ARG B 226 14.07 3.79 17.79
C ARG B 226 13.38 3.03 16.66
N GLU B 227 14.18 2.49 15.76
CA GLU B 227 13.75 1.71 14.60
C GLU B 227 13.30 0.28 14.94
N CYS B 228 12.32 -0.24 14.19
CA CYS B 228 11.91 -1.64 14.31
C CYS B 228 12.66 -2.34 13.17
N GLN B 229 13.46 -3.36 13.50
CA GLN B 229 14.17 -4.13 12.47
C GLN B 229 13.18 -5.07 11.79
N GLN B 230 13.54 -5.59 10.61
CA GLN B 230 12.62 -6.47 9.88
C GLN B 230 12.40 -7.81 10.58
N ASP B 231 13.28 -8.22 11.52
CA ASP B 231 13.06 -9.45 12.27
C ASP B 231 12.51 -9.18 13.72
N ASP B 232 12.12 -7.92 14.03
CA ASP B 232 11.56 -7.57 15.32
C ASP B 232 10.02 -7.81 15.37
N VAL B 233 9.46 -7.87 16.59
CA VAL B 233 8.03 -8.07 16.87
C VAL B 233 7.61 -6.94 17.80
N VAL B 234 6.48 -6.31 17.50
CA VAL B 234 6.00 -5.14 18.20
C VAL B 234 4.65 -5.37 18.87
N ASP B 235 4.45 -4.74 20.03
CA ASP B 235 3.19 -4.68 20.74
C ASP B 235 2.70 -3.24 20.70
N SER B 236 1.44 -3.04 20.35
CA SER B 236 0.78 -1.73 20.23
C SER B 236 -0.19 -1.55 21.40
N LEU B 237 0.02 -0.54 22.21
CA LEU B 237 -0.77 -0.31 23.42
C LEU B 237 -1.52 1.04 23.33
N THR B 238 -2.77 1.09 23.82
CA THR B 238 -3.63 2.28 23.78
C THR B 238 -4.46 2.43 25.07
N THR B 239 -4.59 3.67 25.57
CA THR B 239 -5.41 3.99 26.73
C THR B 239 -6.22 5.26 26.42
N THR B 240 -7.52 5.24 26.72
CA THR B 240 -8.34 6.44 26.50
C THR B 240 -7.94 7.49 27.53
N THR B 241 -7.69 8.73 27.11
CA THR B 241 -7.37 9.80 28.04
C THR B 241 -8.50 10.83 28.19
N SER B 242 -9.47 10.83 27.26
CA SER B 242 -10.61 11.75 27.37
C SER B 242 -11.59 11.34 28.49
N ASP B 260 -15.58 14.39 21.58
CA ASP B 260 -14.32 13.92 21.03
C ASP B 260 -13.73 12.79 21.89
N SER B 261 -12.92 11.92 21.27
CA SER B 261 -12.24 10.84 21.98
C SER B 261 -10.72 11.04 21.80
N GLN B 262 -9.96 10.98 22.88
CA GLN B 262 -8.51 11.13 22.80
C GLN B 262 -7.85 9.88 23.36
N PHE B 263 -6.75 9.44 22.75
CA PHE B 263 -6.03 8.25 23.20
C PHE B 263 -4.54 8.54 23.34
N LEU B 264 -3.89 7.81 24.22
CA LEU B 264 -2.44 7.82 24.42
C LEU B 264 -1.95 6.45 23.88
N HIS B 265 -0.86 6.45 23.10
CA HIS B 265 -0.36 5.24 22.46
C HIS B 265 1.07 4.93 22.79
N LEU B 266 1.44 3.64 22.73
CA LEU B 266 2.80 3.20 22.93
C LEU B 266 3.12 1.95 22.09
N LEU B 267 4.19 2.01 21.26
CA LEU B 267 4.68 0.85 20.51
C LEU B 267 5.98 0.44 21.19
N ARG B 268 6.10 -0.83 21.54
CA ARG B 268 7.32 -1.34 22.16
C ARG B 268 7.62 -2.75 21.65
N LEU B 269 8.90 -3.18 21.70
CA LEU B 269 9.23 -4.54 21.24
C LEU B 269 8.59 -5.60 22.14
N SER B 270 8.03 -6.67 21.55
CA SER B 270 7.32 -7.76 22.23
C SER B 270 8.14 -8.45 23.31
N GLY B 271 9.44 -8.52 23.09
CA GLY B 271 10.34 -9.19 24.02
C GLY B 271 10.64 -8.35 25.24
N ASP B 272 11.72 -7.58 25.16
CA ASP B 272 12.20 -6.79 26.30
C ASP B 272 11.38 -5.52 26.62
N GLY B 273 10.39 -5.15 25.81
CA GLY B 273 9.58 -3.97 26.11
C GLY B 273 10.24 -2.63 25.82
N GLN B 274 11.28 -2.65 24.98
CA GLN B 274 12.02 -1.47 24.51
C GLN B 274 11.08 -0.54 23.71
N GLU B 275 10.96 0.74 24.12
CA GLU B 275 10.10 1.70 23.41
C GLU B 275 10.60 2.02 21.98
N ILE B 276 9.70 1.94 20.99
CA ILE B 276 10.05 2.34 19.63
C ILE B 276 9.30 3.64 19.27
N ASN B 277 8.04 3.80 19.75
CA ASN B 277 7.23 5.01 19.49
C ASN B 277 6.27 5.29 20.64
N ARG B 278 5.87 6.55 20.74
CA ARG B 278 4.79 7.00 21.61
C ARG B 278 3.98 8.04 20.82
N GLY B 279 2.70 8.16 21.10
CA GLY B 279 1.86 9.13 20.40
C GLY B 279 0.51 9.37 21.01
N THR B 280 -0.27 10.27 20.40
CA THR B 280 -1.65 10.61 20.80
C THR B 280 -2.52 10.73 19.54
N THR B 281 -3.80 10.36 19.65
CA THR B 281 -4.73 10.54 18.54
C THR B 281 -6.00 11.24 19.06
N LEU B 282 -6.63 12.06 18.22
CA LEU B 282 -7.87 12.74 18.56
C LEU B 282 -8.91 12.33 17.51
N TRP B 283 -10.08 11.89 17.96
CA TRP B 283 -11.12 11.40 17.07
C TRP B 283 -12.42 12.18 17.30
N ARG B 284 -13.11 12.54 16.20
CA ARG B 284 -14.39 13.24 16.24
C ARG B 284 -15.51 12.25 15.90
N LYS B 285 -16.65 12.31 16.62
CA LYS B 285 -17.78 11.44 16.31
C LYS B 285 -18.34 11.81 14.92
N LYS B 286 -18.68 10.81 14.09
CA LYS B 286 -19.20 11.04 12.73
C LYS B 286 -20.55 11.77 12.73
N1 UUM C . -11.68 -16.52 -1.70
N3 UUM C . -11.71 -13.23 -3.06
C4 UUM C . -12.82 -17.26 -1.85
C5 UUM C . -11.49 -15.19 -2.09
C6 UUM C . -10.47 -14.32 -1.70
C7 UUM C . -12.16 -12.09 -3.86
C8 UUM C . -12.27 -14.46 -2.98
N UUM C . -12.20 -17.80 -4.15
C UUM C . -13.71 -20.87 -5.32
O UUM C . -12.48 -18.82 -5.07
C1 UUM C . -13.30 -19.71 -4.49
C2 UUM C . -13.57 -19.30 -3.23
C3 UUM C . -12.84 -18.12 -3.05
N2 UUM C . -10.59 -13.12 -2.26
O1 UUM C . -13.74 -17.26 -1.06
N1 UUM D . -10.27 -6.37 -9.30
N3 UUM D . -13.29 -4.67 -10.13
C4 UUM D . -9.26 -6.99 -9.99
C5 UUM D . -11.42 -5.80 -9.87
C6 UUM D . -11.90 -5.88 -11.19
C7 UUM D . -14.48 -3.86 -9.93
C8 UUM D . -12.35 -5.02 -9.21
N UUM D . -8.27 -7.70 -7.86
C UUM D . -4.77 -8.53 -8.19
O UUM D . -7.00 -8.11 -7.42
C1 UUM D . -6.16 -8.13 -8.47
C2 UUM D . -6.84 -7.76 -9.58
C3 UUM D . -8.14 -7.48 -9.15
N2 UUM D . -13.03 -5.21 -11.36
O1 UUM D . -9.23 -7.07 -11.21
S SO4 E . -14.46 -9.39 -13.61
O1 SO4 E . -13.84 -10.48 -14.37
O2 SO4 E . -15.25 -8.53 -14.51
O3 SO4 E . -15.34 -9.98 -12.56
O4 SO4 E . -13.40 -8.57 -12.97
S SO4 F . 9.11 -8.81 -5.68
O1 SO4 F . 9.21 -10.19 -5.20
O2 SO4 F . 8.96 -8.80 -7.15
O3 SO4 F . 7.97 -8.16 -5.01
O4 SO4 F . 10.36 -8.08 -5.36
N1 UUM G . 13.61 6.07 14.52
N3 UUM G . 13.03 6.70 11.06
C4 UUM G . 14.78 6.56 15.02
C5 UUM G . 13.21 6.14 13.17
C6 UUM G . 12.18 5.43 12.54
C7 UUM G . 13.22 7.30 9.74
C8 UUM G . 13.73 6.97 12.19
N UUM G . 13.68 8.69 15.46
C UUM G . 15.64 10.87 17.57
O UUM G . 13.98 9.86 16.17
C1 UUM G . 15.18 9.72 16.76
C2 UUM G . 15.67 8.51 16.45
C3 UUM G . 14.70 7.89 15.64
N2 UUM G . 12.07 5.74 11.26
O1 UUM G . 15.83 5.93 14.98
N1 UUM H . 9.94 11.57 3.48
N3 UUM H . 12.57 12.41 1.24
C4 UUM H . 8.92 12.23 4.10
C5 UUM H . 10.94 12.15 2.69
C6 UUM H . 11.31 13.51 2.57
C7 UUM H . 13.62 12.22 0.25
C8 UUM H . 11.78 11.48 1.82
N UUM H . 8.30 10.20 5.32
C UUM H . 4.86 10.28 6.44
O UUM H . 7.15 9.71 5.94
C1 UUM H . 6.16 10.63 5.83
C2 UUM H . 6.65 11.70 5.18
C3 UUM H . 7.97 11.38 4.84
N2 UUM H . 12.30 13.68 1.71
O1 UUM H . 8.74 13.44 3.99
S SO4 I . 13.79 16.78 5.26
O1 SO4 I . 14.80 15.88 5.85
O2 SO4 I . 12.74 16.01 4.60
O3 SO4 I . 13.18 17.65 6.30
O4 SO4 I . 14.49 17.63 4.29
S SO4 J . -8.34 6.04 9.20
O1 SO4 J . -7.20 5.47 8.47
O2 SO4 J . -9.59 5.43 8.72
O3 SO4 J . -8.14 5.73 10.65
O4 SO4 J . -8.52 7.49 9.05
#